data_1NC1
#
_entry.id   1NC1
#
_cell.length_a   51.300
_cell.length_b   69.300
_cell.length_c   127.200
_cell.angle_alpha   90.00
_cell.angle_beta   90.00
_cell.angle_gamma   90.00
#
_symmetry.space_group_name_H-M   'P 21 21 21'
#
loop_
_entity.id
_entity.type
_entity.pdbx_description
1 polymer 'MTA/SAH nucleosidase'
2 non-polymer 2-(4-AMINO-PYRROLO[2,3-D]PYRIMIDIN-7-YL)-5-METHYLSULFANYLMETHYL-TETRAHYDRO-FURAN-3,4-DIOL
3 water water
#
_entity_poly.entity_id   1
_entity_poly.type   'polypeptide(L)'
_entity_poly.pdbx_seq_one_letter_code
;FQGAMDPEFSMKIGIIGAMEEEVTLLRDKIENRQTISLGGCEIYTGQLNGTEVALLKSGIGKVAAALGATLLLEHCKPDV
IINTGSAGGLAPTLKVGDIVVSDEARYHDADVTAFGYEYGQLPGCPAGFKADDKLIAAAEACIAELNLNAVRGLIVSGDA
FINGSVGLAKIRHNFPQAIAVEMEATAIAHVCHNFNVPFVVVRAISDVADQQSHLSFDEFLAVAAKQSSLMVESLVQKLA
HG
;
_entity_poly.pdbx_strand_id   A,B
#
loop_
_chem_comp.id
_chem_comp.type
_chem_comp.name
_chem_comp.formula
MTH non-polymer 2-(4-AMINO-PYRROLO[2,3-D]PYRIMIDIN-7-YL)-5-METHYLSULFANYLMETHYL-TETRAHYDRO-FURAN-3,4-DIOL 'C12 H16 N4 O3 S'
#
# COMPACT_ATOMS: atom_id res chain seq x y z
N PHE A 9 26.71 15.52 11.07
CA PHE A 9 27.40 14.22 11.30
C PHE A 9 26.56 13.20 12.04
N SER A 10 25.39 13.61 12.52
CA SER A 10 24.52 12.71 13.28
C SER A 10 23.18 12.47 12.55
N MET A 11 23.19 12.67 11.25
CA MET A 11 21.97 12.49 10.47
C MET A 11 22.00 11.13 9.77
N LYS A 12 20.86 10.46 9.70
CA LYS A 12 20.77 9.18 9.00
C LYS A 12 19.77 9.42 7.89
N ILE A 13 20.25 9.30 6.65
CA ILE A 13 19.41 9.52 5.48
C ILE A 13 18.84 8.21 4.90
N GLY A 14 17.52 8.10 4.88
CA GLY A 14 16.87 6.92 4.32
C GLY A 14 16.65 7.10 2.82
N ILE A 15 16.97 6.06 2.06
CA ILE A 15 16.81 6.10 0.61
C ILE A 15 16.00 4.89 0.19
N ILE A 16 14.98 5.11 -0.63
CA ILE A 16 14.15 3.97 -1.09
C ILE A 16 14.06 3.89 -2.61
N GLY A 17 14.39 2.71 -3.13
CA GLY A 17 14.32 2.42 -4.55
C GLY A 17 13.54 1.12 -4.68
N ALA A 18 12.72 1.00 -5.71
CA ALA A 18 11.88 -0.20 -5.91
C ALA A 18 12.60 -1.39 -6.53
N MET A 19 13.33 -1.16 -7.62
CA MET A 19 14.03 -2.23 -8.33
C MET A 19 15.56 -2.29 -8.15
N GLU A 20 16.11 -3.47 -8.40
CA GLU A 20 17.54 -3.74 -8.30
C GLU A 20 18.37 -2.70 -9.06
N GLU A 21 18.01 -2.48 -10.31
CA GLU A 21 18.72 -1.54 -11.16
C GLU A 21 18.66 -0.13 -10.57
N GLU A 22 17.60 0.19 -9.83
CA GLU A 22 17.49 1.51 -9.26
C GLU A 22 18.30 1.73 -7.98
N VAL A 23 18.73 0.65 -7.33
CA VAL A 23 19.48 0.77 -6.09
C VAL A 23 20.92 0.27 -6.16
N THR A 24 21.21 -0.54 -7.16
CA THR A 24 22.53 -1.12 -7.33
C THR A 24 23.74 -0.17 -7.32
N LEU A 25 23.65 0.94 -8.05
CA LEU A 25 24.76 1.92 -8.11
C LEU A 25 25.01 2.56 -6.72
N LEU A 26 23.95 3.02 -6.07
CA LEU A 26 24.10 3.61 -4.74
C LEU A 26 24.64 2.55 -3.77
N ARG A 27 24.12 1.33 -3.89
CA ARG A 27 24.54 0.25 -3.00
C ARG A 27 26.03 -0.04 -3.10
N ASP A 28 26.55 -0.12 -4.31
CA ASP A 28 27.97 -0.39 -4.51
C ASP A 28 28.85 0.71 -3.93
N LYS A 29 28.28 1.89 -3.69
CA LYS A 29 29.07 2.97 -3.14
C LYS A 29 29.02 3.08 -1.61
N ILE A 30 28.17 2.30 -0.97
CA ILE A 30 28.08 2.35 0.49
C ILE A 30 29.32 1.75 1.16
N GLU A 31 29.94 2.51 2.06
CA GLU A 31 31.12 2.04 2.79
C GLU A 31 30.65 1.33 4.02
N ASN A 32 31.43 0.36 4.49
CA ASN A 32 31.08 -0.42 5.68
C ASN A 32 29.66 -0.93 5.57
N ARG A 33 29.30 -1.29 4.34
CA ARG A 33 27.97 -1.78 4.03
C ARG A 33 27.60 -3.11 4.67
N GLN A 34 26.36 -3.19 5.12
CA GLN A 34 25.81 -4.41 5.69
C GLN A 34 24.43 -4.58 5.09
N THR A 35 23.95 -5.81 5.03
CA THR A 35 22.67 -6.08 4.44
C THR A 35 21.71 -6.72 5.43
N ILE A 36 20.51 -6.16 5.49
CA ILE A 36 19.46 -6.68 6.37
C ILE A 36 18.34 -7.13 5.43
N SER A 37 17.86 -8.36 5.64
CA SER A 37 16.80 -8.93 4.83
C SER A 37 15.61 -9.12 5.76
N LEU A 38 14.58 -8.28 5.58
CA LEU A 38 13.42 -8.33 6.46
C LEU A 38 12.10 -8.09 5.72
N GLY A 39 11.10 -8.92 6.05
CA GLY A 39 9.79 -8.79 5.44
C GLY A 39 9.79 -8.84 3.93
N GLY A 40 10.78 -9.53 3.36
CA GLY A 40 10.85 -9.64 1.91
C GLY A 40 11.53 -8.45 1.27
N CYS A 41 12.10 -7.58 2.11
CA CYS A 41 12.80 -6.39 1.64
C CYS A 41 14.27 -6.52 1.96
N GLU A 42 15.09 -5.70 1.33
CA GLU A 42 16.51 -5.69 1.61
C GLU A 42 16.90 -4.27 1.98
N ILE A 43 17.59 -4.10 3.11
CA ILE A 43 18.06 -2.78 3.53
C ILE A 43 19.58 -2.82 3.66
N TYR A 44 20.25 -1.84 3.05
CA TYR A 44 21.71 -1.74 3.11
C TYR A 44 22.06 -0.52 3.96
N THR A 45 22.89 -0.75 4.99
CA THR A 45 23.31 0.32 5.87
C THR A 45 24.79 0.56 5.69
N GLY A 46 25.24 1.74 6.12
CA GLY A 46 26.65 2.09 6.01
C GLY A 46 26.68 3.57 5.71
N GLN A 47 27.77 4.01 5.07
CA GLN A 47 27.94 5.42 4.74
C GLN A 47 28.14 5.68 3.26
N LEU A 48 27.60 6.81 2.82
CA LEU A 48 27.73 7.21 1.44
C LEU A 48 28.51 8.52 1.52
N ASN A 49 29.77 8.49 1.10
CA ASN A 49 30.60 9.68 1.17
C ASN A 49 30.65 10.14 2.63
N GLY A 50 30.77 9.19 3.56
CA GLY A 50 30.83 9.54 4.96
C GLY A 50 29.52 9.83 5.70
N THR A 51 28.41 9.93 4.96
CA THR A 51 27.12 10.20 5.61
C THR A 51 26.37 8.89 5.82
N GLU A 52 25.87 8.69 7.05
CA GLU A 52 25.14 7.48 7.39
C GLU A 52 23.85 7.35 6.56
N VAL A 53 23.72 6.24 5.84
CA VAL A 53 22.53 6.02 5.03
C VAL A 53 21.91 4.64 5.31
N ALA A 54 20.63 4.51 4.96
CA ALA A 54 19.90 3.25 5.08
C ALA A 54 19.12 3.24 3.75
N LEU A 55 19.54 2.34 2.88
CA LEU A 55 19.01 2.16 1.53
C LEU A 55 18.15 0.91 1.44
N LEU A 56 16.89 1.11 1.08
CA LEU A 56 15.94 0.00 0.98
C LEU A 56 15.53 -0.30 -0.47
N LYS A 57 15.54 -1.59 -0.81
CA LYS A 57 15.06 -2.02 -2.12
C LYS A 57 13.66 -2.51 -1.71
N SER A 58 12.64 -1.76 -2.09
CA SER A 58 11.27 -2.09 -1.67
C SER A 58 10.46 -3.12 -2.44
N GLY A 59 10.71 -3.22 -3.74
CA GLY A 59 9.84 -4.06 -4.53
C GLY A 59 8.89 -3.05 -5.17
N ILE A 60 8.14 -3.49 -6.17
CA ILE A 60 7.25 -2.63 -6.94
C ILE A 60 5.81 -2.47 -6.46
N GLY A 61 5.27 -1.25 -6.52
CA GLY A 61 3.89 -1.04 -6.14
C GLY A 61 3.69 -0.40 -4.77
N LYS A 62 2.46 0.05 -4.56
CA LYS A 62 2.07 0.76 -3.35
C LYS A 62 2.25 0.02 -2.06
N VAL A 63 1.81 -1.24 -2.04
CA VAL A 63 1.88 -2.02 -0.82
C VAL A 63 3.32 -2.44 -0.52
N ALA A 64 4.08 -2.83 -1.54
CA ALA A 64 5.47 -3.23 -1.34
C ALA A 64 6.26 -2.01 -0.80
N ALA A 65 6.01 -0.84 -1.39
CA ALA A 65 6.68 0.37 -0.92
C ALA A 65 6.26 0.75 0.50
N ALA A 66 4.98 0.58 0.82
CA ALA A 66 4.47 0.92 2.17
C ALA A 66 5.11 -0.01 3.22
N LEU A 67 5.12 -1.30 2.90
CA LEU A 67 5.68 -2.29 3.80
C LEU A 67 7.15 -1.94 4.05
N GLY A 68 7.89 -1.70 2.96
CA GLY A 68 9.30 -1.35 3.07
C GLY A 68 9.53 -0.04 3.83
N ALA A 69 8.79 1.00 3.48
CA ALA A 69 8.94 2.27 4.17
C ALA A 69 8.63 2.14 5.68
N THR A 70 7.62 1.34 6.01
CA THR A 70 7.25 1.17 7.41
C THR A 70 8.38 0.48 8.18
N LEU A 71 8.97 -0.53 7.57
CA LEU A 71 10.09 -1.27 8.15
C LEU A 71 11.29 -0.37 8.36
N LEU A 72 11.64 0.36 7.31
CA LEU A 72 12.77 1.26 7.36
C LEU A 72 12.62 2.30 8.46
N LEU A 73 11.42 2.88 8.56
CA LEU A 73 11.18 3.89 9.57
C LEU A 73 11.24 3.31 10.97
N GLU A 74 10.55 2.20 11.18
CA GLU A 74 10.50 1.54 12.47
C GLU A 74 11.85 0.96 12.88
N HIS A 75 12.52 0.33 11.92
CA HIS A 75 13.80 -0.32 12.18
C HIS A 75 15.02 0.61 12.19
N CYS A 76 15.14 1.48 11.20
CA CYS A 76 16.31 2.36 11.10
C CYS A 76 16.13 3.83 11.46
N LYS A 77 14.91 4.22 11.80
CA LYS A 77 14.62 5.60 12.20
C LYS A 77 15.35 6.69 11.41
N PRO A 78 15.35 6.63 10.07
CA PRO A 78 16.07 7.71 9.38
C PRO A 78 15.43 9.08 9.64
N ASP A 79 16.21 10.15 9.51
CA ASP A 79 15.70 11.51 9.76
C ASP A 79 14.89 12.05 8.60
N VAL A 80 15.24 11.62 7.40
CA VAL A 80 14.51 12.04 6.22
C VAL A 80 14.48 10.87 5.26
N ILE A 81 13.59 10.93 4.27
CA ILE A 81 13.49 9.86 3.30
C ILE A 81 13.59 10.45 1.89
N ILE A 82 14.39 9.80 1.05
CA ILE A 82 14.51 10.23 -0.33
C ILE A 82 14.10 9.02 -1.16
N ASN A 83 13.10 9.23 -2.01
CA ASN A 83 12.60 8.17 -2.90
C ASN A 83 13.27 8.38 -4.27
N THR A 84 14.05 7.39 -4.67
CA THR A 84 14.82 7.39 -5.92
C THR A 84 14.28 6.42 -6.98
N GLY A 85 14.71 6.59 -8.23
CA GLY A 85 14.25 5.68 -9.26
C GLY A 85 13.81 6.33 -10.56
N SER A 86 13.03 5.59 -11.35
CA SER A 86 12.52 6.04 -12.62
C SER A 86 11.07 6.49 -12.54
N ALA A 87 10.60 7.12 -13.60
CA ALA A 87 9.22 7.59 -13.70
C ALA A 87 8.88 7.85 -15.14
N GLY A 88 7.58 7.87 -15.42
CA GLY A 88 7.10 8.19 -16.75
C GLY A 88 6.94 9.70 -16.76
N GLY A 89 7.55 10.37 -17.74
CA GLY A 89 7.45 11.83 -17.80
C GLY A 89 6.12 12.32 -18.35
N LEU A 90 5.51 13.31 -17.70
CA LEU A 90 4.25 13.85 -18.18
C LEU A 90 4.36 15.34 -18.58
N ALA A 91 5.22 16.10 -17.91
CA ALA A 91 5.39 17.51 -18.24
C ALA A 91 6.16 17.62 -19.58
N PRO A 92 5.69 18.49 -20.48
CA PRO A 92 6.24 18.74 -21.82
C PRO A 92 7.73 18.88 -22.02
N THR A 93 8.40 19.64 -21.17
CA THR A 93 9.84 19.82 -21.34
C THR A 93 10.70 18.65 -20.86
N LEU A 94 10.08 17.57 -20.39
CA LEU A 94 10.88 16.45 -19.91
C LEU A 94 11.34 15.49 -20.99
N LYS A 95 12.62 15.17 -20.98
CA LYS A 95 13.17 14.22 -21.94
C LYS A 95 13.69 13.07 -21.09
N VAL A 96 14.00 11.94 -21.72
CA VAL A 96 14.53 10.81 -21.00
C VAL A 96 15.83 11.21 -20.33
N GLY A 97 15.94 10.88 -19.05
CA GLY A 97 17.14 11.21 -18.30
C GLY A 97 16.94 12.42 -17.39
N ASP A 98 15.96 13.24 -17.68
CA ASP A 98 15.73 14.43 -16.84
C ASP A 98 15.22 14.11 -15.45
N ILE A 99 15.40 15.07 -14.54
CA ILE A 99 15.00 14.91 -13.15
C ILE A 99 13.64 15.47 -12.82
N VAL A 100 12.90 14.76 -11.96
CA VAL A 100 11.62 15.26 -11.47
C VAL A 100 11.72 15.26 -9.96
N VAL A 101 11.37 16.38 -9.37
CA VAL A 101 11.43 16.55 -7.94
C VAL A 101 10.02 16.79 -7.52
N SER A 102 9.58 16.02 -6.53
CA SER A 102 8.22 16.18 -6.05
C SER A 102 8.05 17.35 -5.09
N ASP A 103 6.99 18.13 -5.27
CA ASP A 103 6.68 19.10 -4.25
C ASP A 103 5.43 18.53 -3.57
N GLU A 104 4.87 17.49 -4.19
CA GLU A 104 3.66 16.85 -3.67
C GLU A 104 3.43 15.49 -4.35
N ALA A 105 2.74 14.58 -3.67
CA ALA A 105 2.42 13.24 -4.21
C ALA A 105 0.95 12.92 -3.96
N ARG A 106 0.29 12.38 -4.97
CA ARG A 106 -1.11 12.00 -4.90
C ARG A 106 -1.31 10.68 -5.65
N TYR A 107 -2.21 9.85 -5.14
CA TYR A 107 -2.56 8.57 -5.78
C TYR A 107 -3.46 8.93 -6.98
N HIS A 108 -3.13 8.46 -8.18
CA HIS A 108 -4.00 8.79 -9.31
C HIS A 108 -5.07 7.72 -9.47
N ASP A 109 -4.96 6.63 -8.72
CA ASP A 109 -5.92 5.55 -8.80
C ASP A 109 -6.81 5.33 -7.58
N ALA A 110 -6.85 6.28 -6.64
CA ALA A 110 -7.70 6.13 -5.47
C ALA A 110 -9.00 6.88 -5.73
N ASP A 111 -10.13 6.24 -5.45
CA ASP A 111 -11.39 6.91 -5.70
C ASP A 111 -12.49 6.55 -4.71
N VAL A 112 -12.71 7.47 -3.77
CA VAL A 112 -13.76 7.34 -2.78
C VAL A 112 -14.65 8.59 -2.94
N THR A 113 -14.75 9.05 -4.18
CA THR A 113 -15.57 10.23 -4.52
C THR A 113 -17.05 10.01 -4.22
N ALA A 114 -17.49 8.74 -4.25
CA ALA A 114 -18.90 8.43 -3.96
C ALA A 114 -19.26 8.94 -2.58
N PHE A 115 -18.27 9.06 -1.70
CA PHE A 115 -18.51 9.57 -0.36
C PHE A 115 -18.08 11.02 -0.15
N GLY A 116 -17.81 11.73 -1.24
CA GLY A 116 -17.43 13.12 -1.09
C GLY A 116 -15.96 13.42 -0.85
N TYR A 117 -15.09 12.43 -0.96
CA TYR A 117 -13.68 12.72 -0.77
C TYR A 117 -13.17 13.23 -2.11
N GLU A 118 -12.06 13.97 -2.09
CA GLU A 118 -11.45 14.48 -3.32
C GLU A 118 -10.94 13.30 -4.13
N TYR A 119 -10.98 13.40 -5.45
CA TYR A 119 -10.48 12.30 -6.27
C TYR A 119 -9.01 12.07 -5.89
N GLY A 120 -8.62 10.80 -5.71
CA GLY A 120 -7.23 10.47 -5.35
C GLY A 120 -6.98 10.41 -3.85
N GLN A 121 -7.91 10.97 -3.09
CA GLN A 121 -7.78 11.00 -1.64
C GLN A 121 -8.35 9.74 -0.95
N LEU A 122 -7.66 9.25 0.08
CA LEU A 122 -8.23 8.12 0.85
C LEU A 122 -8.73 8.74 2.17
N PRO A 123 -9.87 8.25 2.70
CA PRO A 123 -10.45 8.76 3.96
C PRO A 123 -9.37 8.66 5.05
N GLY A 124 -9.22 9.70 5.87
CA GLY A 124 -8.21 9.68 6.91
C GLY A 124 -6.89 10.30 6.48
N CYS A 125 -6.77 10.62 5.19
CA CYS A 125 -5.53 11.20 4.68
C CYS A 125 -5.81 12.52 4.02
N PRO A 126 -4.79 13.36 3.88
CA PRO A 126 -4.96 14.64 3.20
C PRO A 126 -5.06 14.21 1.72
N ALA A 127 -5.67 15.02 0.85
CA ALA A 127 -5.82 14.65 -0.56
C ALA A 127 -4.48 14.41 -1.29
N GLY A 128 -3.44 15.06 -0.77
CA GLY A 128 -2.10 14.96 -1.31
C GLY A 128 -1.12 15.09 -0.15
N PHE A 129 0.10 14.57 -0.36
CA PHE A 129 1.14 14.60 0.65
C PHE A 129 2.26 15.52 0.19
N LYS A 130 2.53 16.54 0.99
CA LYS A 130 3.54 17.53 0.64
C LYS A 130 4.98 17.15 1.00
N ALA A 131 5.85 17.28 0.01
CA ALA A 131 7.27 17.01 0.17
C ALA A 131 7.87 18.14 1.02
N ASP A 132 8.98 17.85 1.68
CA ASP A 132 9.64 18.82 2.56
C ASP A 132 10.28 20.00 1.80
N ASP A 133 9.95 21.24 2.19
CA ASP A 133 10.53 22.42 1.52
C ASP A 133 12.06 22.45 1.54
N LYS A 134 12.68 22.09 2.66
CA LYS A 134 14.14 22.14 2.69
C LYS A 134 14.76 21.07 1.78
N LEU A 135 14.18 19.87 1.79
CA LEU A 135 14.69 18.82 0.93
C LEU A 135 14.50 19.24 -0.56
N ILE A 136 13.39 19.88 -0.89
CA ILE A 136 13.14 20.33 -2.26
C ILE A 136 14.19 21.37 -2.67
N ALA A 137 14.43 22.36 -1.80
CA ALA A 137 15.41 23.40 -2.09
C ALA A 137 16.80 22.78 -2.30
N ALA A 138 17.18 21.88 -1.42
CA ALA A 138 18.48 21.21 -1.54
C ALA A 138 18.60 20.45 -2.87
N ALA A 139 17.53 19.75 -3.25
CA ALA A 139 17.53 18.99 -4.48
C ALA A 139 17.68 19.92 -5.69
N GLU A 140 17.07 21.09 -5.62
CA GLU A 140 17.15 22.04 -6.74
C GLU A 140 18.53 22.67 -6.81
N ALA A 141 19.14 22.87 -5.66
CA ALA A 141 20.49 23.42 -5.61
C ALA A 141 21.39 22.40 -6.29
N CYS A 142 21.16 21.12 -6.00
CA CYS A 142 21.96 20.06 -6.60
C CYS A 142 21.74 20.04 -8.10
N ILE A 143 20.51 20.28 -8.52
CA ILE A 143 20.18 20.29 -9.94
C ILE A 143 20.93 21.43 -10.66
N ALA A 144 20.94 22.61 -10.05
CA ALA A 144 21.62 23.76 -10.65
C ALA A 144 23.13 23.51 -10.74
N GLU A 145 23.69 22.86 -9.72
CA GLU A 145 25.12 22.56 -9.67
C GLU A 145 25.59 21.46 -10.64
N LEU A 146 24.69 20.53 -10.99
CA LEU A 146 25.04 19.45 -11.92
C LEU A 146 24.63 19.87 -13.32
N ASN A 147 23.94 21.00 -13.41
CA ASN A 147 23.48 21.55 -14.68
C ASN A 147 22.59 20.55 -15.44
N LEU A 148 21.61 20.01 -14.73
CA LEU A 148 20.68 19.04 -15.33
C LEU A 148 19.35 19.72 -15.61
N ASN A 149 18.54 19.13 -16.48
CA ASN A 149 17.21 19.68 -16.78
C ASN A 149 16.27 19.00 -15.80
N ALA A 150 15.39 19.77 -15.18
CA ALA A 150 14.46 19.18 -14.24
C ALA A 150 13.17 19.97 -14.12
N VAL A 151 12.18 19.32 -13.50
CA VAL A 151 10.90 19.94 -13.25
C VAL A 151 10.49 19.57 -11.83
N ARG A 152 9.91 20.54 -11.14
CA ARG A 152 9.43 20.35 -9.79
C ARG A 152 7.92 20.38 -9.87
N GLY A 153 7.24 19.55 -9.09
CA GLY A 153 5.80 19.54 -9.16
C GLY A 153 5.16 18.29 -8.60
N LEU A 154 3.90 18.09 -8.98
CA LEU A 154 3.13 16.94 -8.53
C LEU A 154 3.53 15.64 -9.20
N ILE A 155 3.80 14.62 -8.39
CA ILE A 155 4.13 13.28 -8.88
C ILE A 155 2.93 12.42 -8.44
N VAL A 156 2.34 11.66 -9.35
CA VAL A 156 1.21 10.81 -9.01
C VAL A 156 1.57 9.32 -9.13
N SER A 157 1.09 8.52 -8.17
CA SER A 157 1.37 7.07 -8.17
C SER A 157 0.09 6.22 -8.24
N GLY A 158 0.28 5.01 -8.75
CA GLY A 158 -0.82 4.06 -8.87
C GLY A 158 -0.19 2.67 -9.02
N ASP A 159 -0.98 1.61 -8.92
CA ASP A 159 -0.42 0.26 -9.08
C ASP A 159 -0.49 -0.21 -10.52
N ALA A 160 -0.25 0.69 -11.46
CA ALA A 160 -0.27 0.35 -12.88
C ALA A 160 0.85 1.00 -13.66
N PHE A 161 1.43 0.24 -14.60
CA PHE A 161 2.47 0.79 -15.45
C PHE A 161 1.73 1.47 -16.58
N ILE A 162 1.90 2.78 -16.68
CA ILE A 162 1.21 3.59 -17.68
C ILE A 162 1.88 3.45 -19.05
N ASN A 163 1.08 3.01 -20.01
CA ASN A 163 1.54 2.72 -21.36
C ASN A 163 0.65 3.39 -22.40
N GLY A 164 0.40 4.68 -22.23
CA GLY A 164 -0.44 5.41 -23.17
C GLY A 164 -1.92 5.02 -23.07
N SER A 165 -2.66 5.35 -24.12
CA SER A 165 -4.09 5.02 -24.17
C SER A 165 -4.96 5.65 -23.07
N VAL A 166 -5.89 4.87 -22.55
CA VAL A 166 -6.83 5.31 -21.52
C VAL A 166 -6.19 5.51 -20.14
N GLY A 167 -5.19 4.71 -19.81
CA GLY A 167 -4.53 4.86 -18.53
C GLY A 167 -3.94 6.26 -18.49
N LEU A 168 -3.21 6.61 -19.53
CA LEU A 168 -2.58 7.92 -19.63
C LEU A 168 -3.59 9.07 -19.66
N ALA A 169 -4.60 8.93 -20.52
CA ALA A 169 -5.62 9.98 -20.70
C ALA A 169 -6.34 10.30 -19.42
N LYS A 170 -6.71 9.26 -18.68
CA LYS A 170 -7.42 9.47 -17.42
C LYS A 170 -6.56 10.30 -16.47
N ILE A 171 -5.26 9.97 -16.41
CA ILE A 171 -4.35 10.70 -15.52
C ILE A 171 -4.25 12.17 -15.89
N ARG A 172 -4.00 12.45 -17.18
CA ARG A 172 -3.88 13.83 -17.63
C ARG A 172 -5.16 14.62 -17.33
N HIS A 173 -6.31 13.96 -17.42
CA HIS A 173 -7.57 14.65 -17.15
C HIS A 173 -7.79 14.91 -15.66
N ASN A 174 -7.43 13.95 -14.80
CA ASN A 174 -7.63 14.16 -13.37
C ASN A 174 -6.55 15.00 -12.72
N PHE A 175 -5.33 14.90 -13.22
CA PHE A 175 -4.21 15.68 -12.65
C PHE A 175 -3.41 16.37 -13.78
N PRO A 176 -4.03 17.36 -14.44
CA PRO A 176 -3.44 18.14 -15.54
C PRO A 176 -2.05 18.68 -15.17
N GLN A 177 -1.81 18.93 -13.89
CA GLN A 177 -0.54 19.49 -13.47
C GLN A 177 0.52 18.44 -13.11
N ALA A 178 0.18 17.15 -13.13
CA ALA A 178 1.16 16.10 -12.79
C ALA A 178 2.32 16.12 -13.78
N ILE A 179 3.54 16.09 -13.24
CA ILE A 179 4.73 16.13 -14.06
C ILE A 179 5.31 14.75 -14.38
N ALA A 180 4.86 13.74 -13.63
CA ALA A 180 5.38 12.38 -13.79
C ALA A 180 4.47 11.38 -13.10
N VAL A 181 4.59 10.12 -13.49
CA VAL A 181 3.77 9.06 -12.91
C VAL A 181 4.62 7.82 -12.64
N GLU A 182 4.43 7.21 -11.49
CA GLU A 182 5.17 5.99 -11.19
C GLU A 182 4.32 5.15 -10.23
N MET A 183 4.94 4.25 -9.47
CA MET A 183 4.17 3.34 -8.62
C MET A 183 4.49 3.23 -7.12
N GLU A 184 5.38 4.07 -6.59
CA GLU A 184 5.69 3.96 -5.15
C GLU A 184 5.71 5.27 -4.35
N ALA A 185 6.05 6.38 -5.03
CA ALA A 185 6.19 7.67 -4.37
C ALA A 185 5.12 8.07 -3.35
N THR A 186 3.86 8.05 -3.74
CA THR A 186 2.79 8.46 -2.83
C THR A 186 2.59 7.50 -1.66
N ALA A 187 2.91 6.22 -1.83
CA ALA A 187 2.75 5.26 -0.72
C ALA A 187 3.85 5.57 0.31
N ILE A 188 5.04 5.90 -0.20
CA ILE A 188 6.15 6.26 0.69
C ILE A 188 5.82 7.59 1.42
N ALA A 189 5.25 8.56 0.69
CA ALA A 189 4.89 9.86 1.24
C ALA A 189 3.82 9.69 2.34
N HIS A 190 2.89 8.79 2.06
CA HIS A 190 1.80 8.48 2.96
C HIS A 190 2.34 7.91 4.29
N VAL A 191 3.25 6.92 4.19
CA VAL A 191 3.86 6.32 5.39
C VAL A 191 4.69 7.39 6.11
N CYS A 192 5.46 8.16 5.37
CA CYS A 192 6.24 9.25 5.99
C CYS A 192 5.35 10.27 6.67
N HIS A 193 4.24 10.58 6.02
CA HIS A 193 3.30 11.54 6.58
C HIS A 193 2.80 11.04 7.94
N ASN A 194 2.37 9.77 7.96
CA ASN A 194 1.83 9.17 9.18
C ASN A 194 2.83 9.11 10.30
N PHE A 195 4.11 9.06 9.96
CA PHE A 195 5.17 9.01 10.96
C PHE A 195 5.82 10.36 11.21
N ASN A 196 5.37 11.37 10.47
CA ASN A 196 5.87 12.73 10.57
C ASN A 196 7.33 12.84 10.12
N VAL A 197 7.70 12.06 9.11
CA VAL A 197 9.04 12.10 8.60
C VAL A 197 9.13 12.87 7.29
N PRO A 198 10.08 13.81 7.17
CA PRO A 198 10.26 14.62 5.95
C PRO A 198 10.67 13.72 4.76
N PHE A 199 10.10 13.98 3.59
CA PHE A 199 10.47 13.19 2.42
C PHE A 199 10.54 14.07 1.19
N VAL A 200 11.17 13.52 0.17
CA VAL A 200 11.26 14.15 -1.13
C VAL A 200 11.46 13.02 -2.17
N VAL A 201 10.86 13.19 -3.34
CA VAL A 201 10.99 12.25 -4.41
C VAL A 201 11.89 12.90 -5.48
N VAL A 202 12.97 12.23 -5.82
CA VAL A 202 13.90 12.71 -6.84
C VAL A 202 14.12 11.54 -7.79
N ARG A 203 13.32 11.46 -8.84
CA ARG A 203 13.43 10.38 -9.81
C ARG A 203 13.89 10.92 -11.16
N ALA A 204 14.17 10.02 -12.10
CA ALA A 204 14.57 10.45 -13.45
C ALA A 204 13.65 9.78 -14.49
N ILE A 205 13.44 10.44 -15.62
CA ILE A 205 12.56 9.94 -16.66
C ILE A 205 13.15 8.78 -17.49
N SER A 206 12.37 7.71 -17.60
CA SER A 206 12.78 6.54 -18.36
C SER A 206 11.91 6.39 -19.62
N ASP A 207 10.79 7.11 -19.66
CA ASP A 207 9.82 7.06 -20.76
C ASP A 207 8.80 8.16 -20.55
N VAL A 208 7.91 8.32 -21.52
CA VAL A 208 6.87 9.34 -21.42
C VAL A 208 5.48 8.74 -21.24
N ALA A 209 5.42 7.55 -20.63
CA ALA A 209 4.16 6.90 -20.32
C ALA A 209 3.18 6.70 -21.50
N ASP A 210 3.69 6.66 -22.73
CA ASP A 210 2.81 6.47 -23.88
C ASP A 210 2.87 5.02 -24.39
N GLN A 211 2.30 4.77 -25.56
CA GLN A 211 2.30 3.42 -26.11
C GLN A 211 3.69 2.82 -26.27
N GLN A 212 4.71 3.67 -26.23
CA GLN A 212 6.10 3.22 -26.37
C GLN A 212 6.77 2.96 -25.01
N SER A 213 6.13 3.40 -23.93
CA SER A 213 6.72 3.28 -22.59
C SER A 213 7.34 1.93 -22.24
N HIS A 214 6.74 0.83 -22.68
CA HIS A 214 7.27 -0.50 -22.42
C HIS A 214 8.72 -0.64 -22.97
N LEU A 215 8.88 -0.27 -24.24
CA LEU A 215 10.17 -0.36 -24.89
C LEU A 215 11.15 0.67 -24.34
N SER A 216 10.67 1.91 -24.19
CA SER A 216 11.51 2.98 -23.66
C SER A 216 12.04 2.59 -22.28
N PHE A 217 11.17 2.07 -21.44
CA PHE A 217 11.56 1.64 -20.10
C PHE A 217 12.68 0.60 -20.17
N ASP A 218 12.50 -0.44 -20.96
CA ASP A 218 13.52 -1.50 -21.08
C ASP A 218 14.85 -0.98 -21.59
N GLU A 219 14.79 0.09 -22.37
CA GLU A 219 16.00 0.63 -22.94
C GLU A 219 16.68 1.75 -22.16
N PHE A 220 15.91 2.59 -21.48
CA PHE A 220 16.48 3.71 -20.74
C PHE A 220 16.40 3.65 -19.21
N LEU A 221 15.95 2.53 -18.66
CA LEU A 221 15.88 2.40 -17.23
C LEU A 221 17.25 2.66 -16.61
N ALA A 222 18.30 2.11 -17.23
CA ALA A 222 19.67 2.29 -16.74
C ALA A 222 20.06 3.76 -16.72
N VAL A 223 19.64 4.48 -17.75
CA VAL A 223 19.95 5.91 -17.83
C VAL A 223 19.24 6.69 -16.72
N ALA A 224 17.97 6.38 -16.48
CA ALA A 224 17.23 7.08 -15.43
C ALA A 224 17.87 6.80 -14.07
N ALA A 225 18.22 5.52 -13.86
CA ALA A 225 18.84 5.05 -12.62
C ALA A 225 20.16 5.78 -12.37
N LYS A 226 20.95 5.93 -13.43
CA LYS A 226 22.23 6.62 -13.32
C LYS A 226 22.00 8.08 -12.95
N GLN A 227 21.12 8.75 -13.69
CA GLN A 227 20.85 10.15 -13.41
C GLN A 227 20.23 10.35 -12.03
N SER A 228 19.33 9.47 -11.62
CA SER A 228 18.71 9.66 -10.31
C SER A 228 19.71 9.40 -9.20
N SER A 229 20.50 8.35 -9.35
CA SER A 229 21.54 8.00 -8.38
C SER A 229 22.56 9.14 -8.18
N LEU A 230 22.92 9.82 -9.27
CA LEU A 230 23.86 10.93 -9.20
C LEU A 230 23.21 12.03 -8.34
N MET A 231 21.96 12.33 -8.65
CA MET A 231 21.20 13.32 -7.90
C MET A 231 21.12 12.94 -6.41
N VAL A 232 20.82 11.68 -6.11
CA VAL A 232 20.74 11.27 -4.72
C VAL A 232 22.08 11.43 -4.00
N GLU A 233 23.16 10.98 -4.64
CA GLU A 233 24.50 11.12 -4.03
C GLU A 233 24.74 12.59 -3.73
N SER A 234 24.56 13.46 -4.73
CA SER A 234 24.78 14.89 -4.52
C SER A 234 23.86 15.42 -3.44
N LEU A 235 22.63 14.94 -3.41
CA LEU A 235 21.69 15.43 -2.40
C LEU A 235 22.11 15.01 -0.99
N VAL A 236 22.56 13.78 -0.85
CA VAL A 236 22.97 13.30 0.47
C VAL A 236 24.10 14.22 0.96
N GLN A 237 25.08 14.44 0.09
CA GLN A 237 26.22 15.30 0.40
C GLN A 237 25.73 16.69 0.78
N LYS A 238 24.92 17.28 -0.10
CA LYS A 238 24.36 18.61 0.12
C LYS A 238 23.68 18.73 1.50
N LEU A 239 22.80 17.78 1.81
CA LEU A 239 22.06 17.79 3.06
C LEU A 239 22.92 17.70 4.32
N ALA A 240 24.05 17.00 4.22
CA ALA A 240 24.92 16.83 5.38
C ALA A 240 26.01 17.89 5.52
N HIS A 241 26.35 18.59 4.43
CA HIS A 241 27.42 19.56 4.52
C HIS A 241 27.17 20.93 3.88
N GLY A 242 26.20 21.01 2.97
CA GLY A 242 25.92 22.27 2.31
C GLY A 242 26.47 22.23 0.90
N MET B 11 -1.21 -18.87 22.08
CA MET B 11 -1.15 -18.27 20.72
C MET B 11 -1.68 -16.83 20.73
N LYS B 12 -1.24 -16.04 19.77
CA LYS B 12 -1.69 -14.66 19.68
C LYS B 12 -2.40 -14.45 18.34
N ILE B 13 -3.64 -14.00 18.38
CA ILE B 13 -4.36 -13.79 17.12
C ILE B 13 -4.43 -12.33 16.75
N GLY B 14 -3.96 -12.02 15.55
CA GLY B 14 -4.01 -10.65 15.06
C GLY B 14 -5.35 -10.42 14.35
N ILE B 15 -5.93 -9.25 14.59
CA ILE B 15 -7.21 -8.87 13.96
C ILE B 15 -7.05 -7.46 13.38
N ILE B 16 -7.42 -7.29 12.13
CA ILE B 16 -7.32 -5.99 11.47
C ILE B 16 -8.66 -5.54 10.89
N GLY B 17 -9.08 -4.33 11.27
CA GLY B 17 -10.30 -3.74 10.77
C GLY B 17 -9.94 -2.33 10.29
N ALA B 18 -10.63 -1.83 9.29
CA ALA B 18 -10.26 -0.51 8.76
C ALA B 18 -10.85 0.70 9.48
N MET B 19 -12.16 0.65 9.73
CA MET B 19 -12.91 1.74 10.34
C MET B 19 -13.30 1.54 11.80
N GLU B 20 -13.60 2.65 12.47
CA GLU B 20 -14.04 2.64 13.85
C GLU B 20 -15.16 1.64 14.00
N GLU B 21 -16.18 1.75 13.15
CA GLU B 21 -17.33 0.83 13.20
C GLU B 21 -16.90 -0.64 13.19
N GLU B 22 -15.88 -0.96 12.39
CA GLU B 22 -15.45 -2.35 12.26
C GLU B 22 -14.61 -2.90 13.41
N VAL B 23 -14.10 -2.03 14.28
CA VAL B 23 -13.28 -2.53 15.38
C VAL B 23 -13.83 -2.22 16.76
N THR B 24 -14.78 -1.31 16.84
CA THR B 24 -15.30 -0.88 18.14
C THR B 24 -15.91 -1.97 19.02
N LEU B 25 -16.73 -2.86 18.47
CA LEU B 25 -17.34 -3.90 19.29
C LEU B 25 -16.28 -4.85 19.86
N LEU B 26 -15.31 -5.25 19.03
CA LEU B 26 -14.25 -6.13 19.49
C LEU B 26 -13.36 -5.37 20.50
N ARG B 27 -13.06 -4.11 20.21
CA ARG B 27 -12.23 -3.30 21.10
C ARG B 27 -12.88 -3.23 22.50
N ASP B 28 -14.19 -3.03 22.54
CA ASP B 28 -14.92 -2.96 23.81
C ASP B 28 -14.85 -4.25 24.62
N LYS B 29 -14.58 -5.37 23.95
CA LYS B 29 -14.52 -6.64 24.66
C LYS B 29 -13.14 -7.07 25.13
N ILE B 30 -12.10 -6.43 24.61
CA ILE B 30 -10.75 -6.80 24.99
C ILE B 30 -10.46 -6.42 26.45
N GLU B 31 -10.08 -7.42 27.25
CA GLU B 31 -9.77 -7.22 28.67
C GLU B 31 -8.26 -7.18 28.88
N ASN B 32 -7.82 -6.52 29.96
CA ASN B 32 -6.38 -6.35 30.22
C ASN B 32 -5.90 -5.56 28.99
N ARG B 33 -6.77 -4.68 28.53
CA ARG B 33 -6.53 -3.87 27.36
C ARG B 33 -5.53 -2.74 27.48
N GLN B 34 -4.65 -2.66 26.50
CA GLN B 34 -3.66 -1.62 26.43
C GLN B 34 -3.76 -1.05 25.01
N THR B 35 -3.56 0.26 24.88
CA THR B 35 -3.61 0.88 23.57
C THR B 35 -2.28 1.42 23.14
N ILE B 36 -1.94 1.19 21.88
CA ILE B 36 -0.70 1.70 21.29
C ILE B 36 -1.10 2.59 20.12
N SER B 37 -0.68 3.86 20.15
CA SER B 37 -0.95 4.79 19.06
C SER B 37 0.38 4.88 18.33
N LEU B 38 0.41 4.54 17.05
CA LEU B 38 1.68 4.55 16.33
C LEU B 38 1.49 4.58 14.82
N GLY B 39 2.30 5.39 14.15
CA GLY B 39 2.23 5.52 12.71
C GLY B 39 0.84 5.82 12.22
N GLY B 40 0.06 6.53 13.05
CA GLY B 40 -1.32 6.88 12.71
C GLY B 40 -2.31 5.74 12.88
N CYS B 41 -1.88 4.65 13.51
CA CYS B 41 -2.75 3.48 13.72
C CYS B 41 -2.96 3.28 15.20
N GLU B 42 -3.94 2.44 15.52
CA GLU B 42 -4.24 2.11 16.91
C GLU B 42 -4.21 0.60 16.97
N ILE B 43 -3.50 0.09 17.98
CA ILE B 43 -3.38 -1.34 18.22
C ILE B 43 -3.87 -1.55 19.66
N TYR B 44 -4.82 -2.47 19.83
CA TYR B 44 -5.34 -2.76 21.17
C TYR B 44 -4.89 -4.18 21.50
N THR B 45 -4.14 -4.33 22.59
CA THR B 45 -3.67 -5.65 23.01
C THR B 45 -4.41 -6.11 24.25
N GLY B 46 -4.50 -7.41 24.43
CA GLY B 46 -5.19 -7.95 25.59
C GLY B 46 -5.82 -9.28 25.25
N GLN B 47 -6.91 -9.63 25.96
CA GLN B 47 -7.58 -10.90 25.71
C GLN B 47 -9.04 -10.72 25.33
N LEU B 48 -9.47 -11.55 24.39
CA LEU B 48 -10.83 -11.59 23.92
C LEU B 48 -11.35 -12.97 24.40
N ASN B 49 -12.18 -12.97 25.42
CA ASN B 49 -12.71 -14.22 25.99
C ASN B 49 -11.58 -15.18 26.32
N GLY B 50 -10.56 -14.65 27.01
CA GLY B 50 -9.44 -15.48 27.40
C GLY B 50 -8.31 -15.65 26.38
N THR B 51 -8.56 -15.34 25.11
CA THR B 51 -7.52 -15.48 24.08
C THR B 51 -6.71 -14.21 23.82
N GLU B 52 -5.40 -14.34 23.81
CA GLU B 52 -4.52 -13.21 23.57
C GLU B 52 -4.72 -12.72 22.13
N VAL B 53 -5.10 -11.46 21.98
CA VAL B 53 -5.26 -10.90 20.64
C VAL B 53 -4.54 -9.56 20.52
N ALA B 54 -4.44 -9.10 19.28
CA ALA B 54 -3.87 -7.78 18.99
C ALA B 54 -4.78 -7.27 17.88
N LEU B 55 -5.58 -6.27 18.22
CA LEU B 55 -6.52 -5.68 17.30
C LEU B 55 -6.00 -4.35 16.76
N LEU B 56 -5.91 -4.26 15.45
CA LEU B 56 -5.44 -3.05 14.78
C LEU B 56 -6.55 -2.35 13.98
N LYS B 57 -6.68 -1.04 14.18
CA LYS B 57 -7.61 -0.23 13.40
C LYS B 57 -6.59 0.39 12.40
N SER B 58 -6.66 -0.05 11.16
CA SER B 58 -5.71 0.36 10.13
C SER B 58 -5.98 1.62 9.34
N GLY B 59 -7.25 1.97 9.17
CA GLY B 59 -7.54 3.08 8.29
C GLY B 59 -7.89 2.41 6.95
N ILE B 60 -8.46 3.19 6.03
CA ILE B 60 -8.93 2.70 4.74
C ILE B 60 -7.92 2.71 3.62
N GLY B 61 -7.94 1.68 2.78
CA GLY B 61 -7.02 1.67 1.64
C GLY B 61 -5.82 0.76 1.78
N LYS B 62 -5.20 0.46 0.65
CA LYS B 62 -4.10 -0.47 0.62
C LYS B 62 -2.86 -0.06 1.39
N VAL B 63 -2.43 1.19 1.28
CA VAL B 63 -1.22 1.64 1.97
C VAL B 63 -1.46 1.71 3.47
N ALA B 64 -2.62 2.23 3.87
CA ALA B 64 -2.96 2.32 5.31
C ALA B 64 -2.97 0.91 5.91
N ALA B 65 -3.62 -0.02 5.21
CA ALA B 65 -3.65 -1.38 5.69
C ALA B 65 -2.24 -2.04 5.72
N ALA B 66 -1.44 -1.80 4.68
CA ALA B 66 -0.09 -2.39 4.62
C ALA B 66 0.78 -1.85 5.77
N LEU B 67 0.72 -0.55 5.98
CA LEU B 67 1.47 0.07 7.07
C LEU B 67 1.07 -0.56 8.43
N GLY B 68 -0.24 -0.62 8.71
CA GLY B 68 -0.72 -1.19 9.97
C GLY B 68 -0.38 -2.67 10.14
N ALA B 69 -0.54 -3.46 9.09
CA ALA B 69 -0.22 -4.88 9.14
C ALA B 69 1.25 -5.06 9.42
N THR B 70 2.07 -4.25 8.77
CA THR B 70 3.50 -4.34 8.96
C THR B 70 3.84 -4.06 10.44
N LEU B 71 3.26 -2.99 10.99
CA LEU B 71 3.51 -2.65 12.39
C LEU B 71 3.10 -3.80 13.31
N LEU B 72 1.88 -4.29 13.09
CA LEU B 72 1.33 -5.38 13.88
C LEU B 72 2.22 -6.61 13.84
N LEU B 73 2.65 -7.03 12.65
CA LEU B 73 3.49 -8.21 12.58
C LEU B 73 4.83 -7.94 13.27
N GLU B 74 5.53 -6.91 12.83
CA GLU B 74 6.81 -6.56 13.41
C GLU B 74 6.80 -6.33 14.92
N HIS B 75 5.77 -5.65 15.40
CA HIS B 75 5.67 -5.33 16.82
C HIS B 75 5.10 -6.45 17.70
N CYS B 76 3.84 -6.82 17.47
CA CYS B 76 3.19 -7.80 18.30
C CYS B 76 3.40 -9.25 17.90
N LYS B 77 3.85 -9.49 16.67
CA LYS B 77 4.12 -10.84 16.19
C LYS B 77 3.02 -11.91 16.42
N PRO B 78 1.80 -11.63 15.95
CA PRO B 78 0.70 -12.60 16.11
C PRO B 78 0.96 -13.88 15.32
N ASP B 79 0.26 -14.95 15.64
CA ASP B 79 0.46 -16.21 14.94
C ASP B 79 -0.30 -16.29 13.60
N VAL B 80 -1.48 -15.67 13.57
CA VAL B 80 -2.31 -15.65 12.38
C VAL B 80 -2.99 -14.28 12.32
N ILE B 81 -3.46 -13.91 11.13
CA ILE B 81 -4.12 -12.62 10.97
C ILE B 81 -5.52 -12.86 10.45
N ILE B 82 -6.50 -12.19 11.04
CA ILE B 82 -7.87 -12.27 10.58
C ILE B 82 -8.27 -10.85 10.18
N ASN B 83 -8.67 -10.65 8.92
CA ASN B 83 -9.09 -9.33 8.45
C ASN B 83 -10.63 -9.29 8.55
N THR B 84 -11.15 -8.37 9.37
CA THR B 84 -12.59 -8.24 9.57
C THR B 84 -13.13 -6.95 8.92
N GLY B 85 -14.44 -6.80 8.87
CA GLY B 85 -15.02 -5.60 8.31
C GLY B 85 -16.12 -5.84 7.32
N SER B 86 -16.42 -4.81 6.53
CA SER B 86 -17.48 -4.86 5.53
C SER B 86 -16.92 -5.10 4.15
N ALA B 87 -17.83 -5.33 3.19
CA ALA B 87 -17.44 -5.57 1.81
C ALA B 87 -18.63 -5.42 0.87
N GLY B 88 -18.33 -5.18 -0.42
CA GLY B 88 -19.34 -5.08 -1.45
C GLY B 88 -19.53 -6.50 -1.98
N GLY B 89 -20.77 -7.00 -1.92
CA GLY B 89 -21.04 -8.35 -2.39
C GLY B 89 -21.16 -8.48 -3.89
N LEU B 90 -20.48 -9.46 -4.47
CA LEU B 90 -20.53 -9.64 -5.92
C LEU B 90 -21.17 -10.98 -6.29
N ALA B 91 -21.07 -11.97 -5.40
CA ALA B 91 -21.66 -13.27 -5.66
C ALA B 91 -23.18 -13.18 -5.60
N PRO B 92 -23.87 -13.86 -6.53
CA PRO B 92 -25.33 -13.89 -6.65
C PRO B 92 -26.13 -14.18 -5.38
N THR B 93 -25.70 -15.15 -4.57
CA THR B 93 -26.48 -15.44 -3.37
C THR B 93 -26.29 -14.48 -2.17
N LEU B 94 -25.40 -13.51 -2.29
CA LEU B 94 -25.15 -12.58 -1.19
C LEU B 94 -26.19 -11.48 -0.99
N LYS B 95 -26.54 -11.26 0.27
CA LYS B 95 -27.48 -10.23 0.62
C LYS B 95 -26.81 -9.49 1.77
N VAL B 96 -27.23 -8.26 2.03
CA VAL B 96 -26.64 -7.49 3.12
C VAL B 96 -26.60 -8.31 4.40
N GLY B 97 -25.46 -8.25 5.08
CA GLY B 97 -25.31 -8.97 6.34
C GLY B 97 -24.67 -10.34 6.17
N ASP B 98 -24.66 -10.87 4.96
CA ASP B 98 -24.06 -12.18 4.75
C ASP B 98 -22.52 -12.16 4.85
N ILE B 99 -21.95 -13.36 5.08
CA ILE B 99 -20.51 -13.49 5.28
C ILE B 99 -19.73 -13.92 4.04
N VAL B 100 -18.54 -13.34 3.85
CA VAL B 100 -17.68 -13.77 2.75
C VAL B 100 -16.37 -14.20 3.40
N VAL B 101 -15.91 -15.37 3.01
CA VAL B 101 -14.67 -15.92 3.53
C VAL B 101 -13.69 -16.02 2.37
N SER B 102 -12.53 -15.41 2.52
CA SER B 102 -11.54 -15.48 1.47
C SER B 102 -10.85 -16.85 1.34
N ASP B 103 -10.76 -17.38 0.14
CA ASP B 103 -9.90 -18.54 0.01
C ASP B 103 -8.68 -17.96 -0.74
N GLU B 104 -8.82 -16.72 -1.20
CA GLU B 104 -7.75 -16.02 -1.93
C GLU B 104 -8.05 -14.53 -2.08
N ALA B 105 -7.01 -13.71 -2.19
CA ALA B 105 -7.16 -12.27 -2.37
C ALA B 105 -6.29 -11.79 -3.55
N ARG B 106 -6.85 -10.92 -4.39
CA ARG B 106 -6.14 -10.36 -5.54
C ARG B 106 -6.50 -8.88 -5.68
N TYR B 107 -5.54 -8.09 -6.16
CA TYR B 107 -5.79 -6.67 -6.42
C TYR B 107 -6.60 -6.56 -7.72
N HIS B 108 -7.75 -5.90 -7.69
CA HIS B 108 -8.48 -5.76 -8.95
C HIS B 108 -7.97 -4.53 -9.72
N ASP B 109 -7.13 -3.71 -9.09
CA ASP B 109 -6.63 -2.49 -9.75
C ASP B 109 -5.13 -2.43 -10.04
N ALA B 110 -4.45 -3.57 -10.02
CA ALA B 110 -3.03 -3.58 -10.31
C ALA B 110 -2.86 -4.07 -11.78
N ASP B 111 -2.04 -3.35 -12.55
CA ASP B 111 -1.81 -3.68 -13.96
C ASP B 111 -0.39 -3.46 -14.46
N VAL B 112 0.38 -4.54 -14.50
CA VAL B 112 1.71 -4.48 -15.04
C VAL B 112 1.76 -5.53 -16.16
N THR B 113 0.62 -5.73 -16.82
CA THR B 113 0.51 -6.69 -17.93
C THR B 113 1.40 -6.23 -19.09
N ALA B 114 1.76 -4.95 -19.12
CA ALA B 114 2.65 -4.47 -20.17
C ALA B 114 3.93 -5.32 -20.18
N PHE B 115 4.29 -5.84 -19.02
CA PHE B 115 5.49 -6.66 -18.89
C PHE B 115 5.20 -8.17 -18.70
N GLY B 116 3.97 -8.59 -19.02
CA GLY B 116 3.67 -10.00 -18.94
C GLY B 116 3.23 -10.60 -17.62
N TYR B 117 2.91 -9.76 -16.63
CA TYR B 117 2.43 -10.28 -15.36
C TYR B 117 0.95 -10.44 -15.55
N GLU B 118 0.34 -11.30 -14.75
CA GLU B 118 -1.10 -11.54 -14.81
C GLU B 118 -1.83 -10.27 -14.39
N TYR B 119 -3.02 -9.99 -14.95
CA TYR B 119 -3.73 -8.80 -14.50
C TYR B 119 -3.95 -8.93 -12.99
N GLY B 120 -3.78 -7.83 -12.25
CA GLY B 120 -3.92 -7.86 -10.80
C GLY B 120 -2.67 -8.24 -10.04
N GLN B 121 -1.71 -8.86 -10.71
CA GLN B 121 -0.46 -9.28 -10.09
C GLN B 121 0.62 -8.17 -10.05
N LEU B 122 1.33 -8.05 -8.93
CA LEU B 122 2.44 -7.10 -8.83
C LEU B 122 3.76 -7.89 -8.95
N PRO B 123 4.78 -7.33 -9.61
CA PRO B 123 6.03 -8.09 -9.74
C PRO B 123 6.59 -8.46 -8.37
N GLY B 124 7.06 -9.71 -8.22
CA GLY B 124 7.60 -10.18 -6.96
C GLY B 124 6.58 -10.85 -6.05
N CYS B 125 5.33 -10.91 -6.52
CA CYS B 125 4.23 -11.52 -5.78
C CYS B 125 3.50 -12.56 -6.61
N PRO B 126 2.79 -13.48 -5.94
CA PRO B 126 2.03 -14.49 -6.67
C PRO B 126 0.87 -13.68 -7.27
N ALA B 127 0.24 -14.19 -8.33
CA ALA B 127 -0.86 -13.42 -8.93
C ALA B 127 -2.02 -13.21 -7.92
N GLY B 128 -2.11 -14.13 -6.95
CA GLY B 128 -3.13 -14.07 -5.90
C GLY B 128 -2.54 -14.61 -4.60
N PHE B 129 -3.02 -14.14 -3.46
CA PHE B 129 -2.51 -14.60 -2.17
C PHE B 129 -3.52 -15.58 -1.57
N LYS B 130 -3.08 -16.81 -1.29
CA LYS B 130 -3.99 -17.82 -0.73
C LYS B 130 -4.16 -17.74 0.77
N ALA B 131 -5.42 -17.80 1.21
CA ALA B 131 -5.72 -17.76 2.64
C ALA B 131 -5.43 -19.17 3.19
N ASP B 132 -5.21 -19.25 4.47
CA ASP B 132 -4.89 -20.49 5.17
C ASP B 132 -6.05 -21.48 5.25
N ASP B 133 -5.82 -22.70 4.78
CA ASP B 133 -6.85 -23.72 4.82
C ASP B 133 -7.42 -23.99 6.22
N LYS B 134 -6.58 -24.04 7.26
CA LYS B 134 -7.12 -24.29 8.59
C LYS B 134 -7.98 -23.11 9.04
N LEU B 135 -7.50 -21.88 8.81
CA LEU B 135 -8.28 -20.71 9.17
C LEU B 135 -9.64 -20.74 8.45
N ILE B 136 -9.63 -21.11 7.16
CA ILE B 136 -10.85 -21.20 6.39
C ILE B 136 -11.78 -22.30 6.96
N ALA B 137 -11.22 -23.44 7.33
CA ALA B 137 -12.03 -24.52 7.90
C ALA B 137 -12.68 -24.10 9.21
N ALA B 138 -11.92 -23.41 10.04
CA ALA B 138 -12.42 -22.95 11.32
C ALA B 138 -13.53 -21.91 11.10
N ALA B 139 -13.31 -20.99 10.17
CA ALA B 139 -14.31 -19.96 9.86
C ALA B 139 -15.63 -20.62 9.44
N GLU B 140 -15.55 -21.58 8.53
CA GLU B 140 -16.74 -22.28 8.04
C GLU B 140 -17.46 -23.13 9.10
N ALA B 141 -16.72 -23.69 10.05
CA ALA B 141 -17.35 -24.46 11.14
C ALA B 141 -18.17 -23.46 11.96
N CYS B 142 -17.65 -22.25 12.19
CA CYS B 142 -18.36 -21.22 12.96
C CYS B 142 -19.61 -20.76 12.24
N ILE B 143 -19.48 -20.59 10.93
CA ILE B 143 -20.60 -20.18 10.07
C ILE B 143 -21.74 -21.21 10.19
N ALA B 144 -21.38 -22.48 10.14
CA ALA B 144 -22.38 -23.54 10.24
C ALA B 144 -23.03 -23.52 11.63
N GLU B 145 -22.21 -23.33 12.68
CA GLU B 145 -22.72 -23.33 14.04
C GLU B 145 -23.61 -22.15 14.39
N LEU B 146 -23.45 -21.05 13.67
CA LEU B 146 -24.22 -19.84 13.91
C LEU B 146 -25.35 -19.67 12.90
N ASN B 147 -25.45 -20.62 11.98
CA ASN B 147 -26.48 -20.63 10.96
C ASN B 147 -26.48 -19.38 10.08
N LEU B 148 -25.31 -19.04 9.56
CA LEU B 148 -25.17 -17.87 8.72
C LEU B 148 -25.05 -18.24 7.25
N ASN B 149 -25.48 -17.32 6.37
CA ASN B 149 -25.36 -17.53 4.93
C ASN B 149 -23.96 -16.99 4.56
N ALA B 150 -23.12 -17.85 4.01
CA ALA B 150 -21.77 -17.43 3.65
C ALA B 150 -21.33 -18.00 2.32
N VAL B 151 -20.39 -17.31 1.67
CA VAL B 151 -19.79 -17.78 0.43
C VAL B 151 -18.27 -17.71 0.61
N ARG B 152 -17.58 -18.77 0.20
CA ARG B 152 -16.10 -18.84 0.25
C ARG B 152 -15.57 -18.58 -1.16
N GLY B 153 -14.48 -17.83 -1.28
CA GLY B 153 -13.97 -17.56 -2.60
C GLY B 153 -13.03 -16.38 -2.74
N LEU B 154 -12.90 -15.91 -3.98
CA LEU B 154 -12.01 -14.80 -4.29
C LEU B 154 -12.54 -13.45 -3.89
N ILE B 155 -11.76 -12.73 -3.09
CA ILE B 155 -12.09 -11.36 -2.70
C ILE B 155 -11.05 -10.44 -3.35
N VAL B 156 -11.51 -9.40 -4.05
CA VAL B 156 -10.61 -8.49 -4.72
C VAL B 156 -10.57 -7.14 -4.04
N SER B 157 -9.36 -6.54 -4.01
CA SER B 157 -9.16 -5.26 -3.35
C SER B 157 -8.62 -4.20 -4.30
N GLY B 158 -9.02 -2.95 -4.04
CA GLY B 158 -8.54 -1.82 -4.81
C GLY B 158 -8.70 -0.57 -3.95
N ASP B 159 -8.07 0.53 -4.35
CA ASP B 159 -8.20 1.80 -3.61
C ASP B 159 -9.39 2.60 -4.10
N ALA B 160 -10.51 1.93 -4.35
CA ALA B 160 -11.69 2.66 -4.81
C ALA B 160 -12.98 2.04 -4.26
N PHE B 161 -13.94 2.88 -3.93
CA PHE B 161 -15.22 2.36 -3.44
C PHE B 161 -16.02 2.04 -4.70
N ILE B 162 -16.50 0.80 -4.79
CA ILE B 162 -17.22 0.40 -5.98
C ILE B 162 -18.71 0.63 -5.92
N ASN B 163 -19.23 1.33 -6.91
CA ASN B 163 -20.66 1.57 -6.95
C ASN B 163 -21.19 1.66 -8.38
N GLY B 164 -21.20 0.46 -8.97
CA GLY B 164 -21.68 0.22 -10.31
C GLY B 164 -20.86 0.90 -11.39
N SER B 165 -21.51 1.08 -12.54
CA SER B 165 -20.89 1.76 -13.66
C SER B 165 -19.61 1.07 -14.16
N VAL B 166 -18.68 1.85 -14.68
CA VAL B 166 -17.42 1.34 -15.22
C VAL B 166 -16.61 0.55 -14.18
N GLY B 167 -16.44 1.11 -12.99
CA GLY B 167 -15.69 0.45 -11.94
C GLY B 167 -16.14 -0.99 -11.70
N LEU B 168 -17.44 -1.23 -11.59
CA LEU B 168 -17.95 -2.60 -11.36
C LEU B 168 -17.74 -3.45 -12.62
N ALA B 169 -17.98 -2.82 -13.76
CA ALA B 169 -17.82 -3.50 -15.04
C ALA B 169 -16.42 -4.09 -15.19
N LYS B 170 -15.42 -3.28 -14.89
CA LYS B 170 -14.05 -3.75 -15.03
C LYS B 170 -13.73 -4.93 -14.12
N ILE B 171 -14.28 -4.91 -12.90
CA ILE B 171 -14.03 -6.00 -11.96
C ILE B 171 -14.69 -7.27 -12.46
N ARG B 172 -15.91 -7.13 -12.98
CA ARG B 172 -16.62 -8.30 -13.51
C ARG B 172 -15.84 -8.95 -14.64
N HIS B 173 -15.24 -8.14 -15.49
CA HIS B 173 -14.47 -8.61 -16.62
C HIS B 173 -13.20 -9.35 -16.23
N ASN B 174 -12.39 -8.72 -15.37
CA ASN B 174 -11.14 -9.34 -14.98
C ASN B 174 -11.25 -10.46 -13.95
N PHE B 175 -12.27 -10.40 -13.12
CA PHE B 175 -12.50 -11.38 -12.05
C PHE B 175 -13.98 -11.77 -11.92
N PRO B 176 -14.52 -12.40 -12.96
CA PRO B 176 -15.93 -12.83 -12.92
C PRO B 176 -16.28 -13.75 -11.73
N GLN B 177 -15.28 -14.39 -11.14
CA GLN B 177 -15.50 -15.29 -10.03
C GLN B 177 -15.30 -14.60 -8.68
N ALA B 178 -14.98 -13.31 -8.66
CA ALA B 178 -14.79 -12.63 -7.38
C ALA B 178 -16.10 -12.66 -6.63
N ILE B 179 -16.09 -12.95 -5.33
CA ILE B 179 -17.34 -12.99 -4.58
C ILE B 179 -17.58 -11.65 -3.88
N ALA B 180 -16.54 -10.86 -3.71
CA ALA B 180 -16.74 -9.59 -3.02
C ALA B 180 -15.59 -8.61 -3.30
N VAL B 181 -15.85 -7.34 -3.06
CA VAL B 181 -14.84 -6.34 -3.30
C VAL B 181 -14.74 -5.38 -2.13
N GLU B 182 -13.52 -5.01 -1.78
CA GLU B 182 -13.29 -4.10 -0.70
C GLU B 182 -11.92 -3.40 -0.90
N MET B 183 -11.36 -2.81 0.16
CA MET B 183 -10.14 -2.00 -0.03
C MET B 183 -8.85 -2.27 0.77
N GLU B 184 -8.82 -3.36 1.55
CA GLU B 184 -7.64 -3.65 2.37
C GLU B 184 -7.14 -5.11 2.36
N ALA B 185 -8.06 -6.05 2.18
CA ALA B 185 -7.72 -7.47 2.28
C ALA B 185 -6.47 -7.94 1.55
N THR B 186 -6.36 -7.62 0.26
CA THR B 186 -5.21 -8.09 -0.51
C THR B 186 -3.90 -7.44 0.00
N ALA B 187 -3.98 -6.20 0.48
CA ALA B 187 -2.79 -5.52 1.01
C ALA B 187 -2.36 -6.25 2.28
N ILE B 188 -3.33 -6.62 3.10
CA ILE B 188 -3.02 -7.37 4.32
C ILE B 188 -2.44 -8.74 3.91
N ALA B 189 -3.08 -9.41 2.97
CA ALA B 189 -2.59 -10.71 2.50
C ALA B 189 -1.13 -10.62 1.97
N HIS B 190 -0.83 -9.55 1.24
CA HIS B 190 0.49 -9.32 0.64
C HIS B 190 1.53 -9.20 1.76
N VAL B 191 1.22 -8.39 2.78
CA VAL B 191 2.13 -8.22 3.91
C VAL B 191 2.32 -9.57 4.61
N CYS B 192 1.22 -10.27 4.91
CA CYS B 192 1.29 -11.55 5.60
C CYS B 192 2.13 -12.52 4.77
N HIS B 193 1.96 -12.45 3.45
CA HIS B 193 2.72 -13.32 2.56
C HIS B 193 4.23 -13.09 2.73
N ASN B 194 4.63 -11.82 2.76
CA ASN B 194 6.04 -11.47 2.93
C ASN B 194 6.64 -11.84 4.28
N PHE B 195 5.80 -11.99 5.30
CA PHE B 195 6.30 -12.39 6.62
C PHE B 195 5.99 -13.88 6.92
N ASN B 196 5.39 -14.59 5.95
CA ASN B 196 5.02 -15.99 6.14
C ASN B 196 3.99 -16.16 7.25
N VAL B 197 2.99 -15.29 7.28
CA VAL B 197 1.97 -15.38 8.32
C VAL B 197 0.63 -15.77 7.72
N PRO B 198 -0.01 -16.81 8.26
CA PRO B 198 -1.31 -17.22 7.73
C PRO B 198 -2.38 -16.17 8.00
N PHE B 199 -3.33 -16.06 7.06
CA PHE B 199 -4.37 -15.07 7.18
C PHE B 199 -5.66 -15.60 6.61
N VAL B 200 -6.74 -14.90 6.95
CA VAL B 200 -8.02 -15.22 6.39
C VAL B 200 -8.83 -13.94 6.48
N VAL B 201 -9.70 -13.76 5.51
CA VAL B 201 -10.53 -12.60 5.50
C VAL B 201 -11.93 -13.06 5.84
N VAL B 202 -12.54 -12.45 6.85
CA VAL B 202 -13.92 -12.79 7.19
C VAL B 202 -14.70 -11.48 7.28
N ARG B 203 -15.39 -11.15 6.21
CA ARG B 203 -16.16 -9.91 6.16
C ARG B 203 -17.65 -10.15 5.95
N ALA B 204 -18.44 -9.10 6.14
CA ALA B 204 -19.89 -9.17 5.99
C ALA B 204 -20.32 -8.10 4.98
N ILE B 205 -21.34 -8.44 4.19
CA ILE B 205 -21.84 -7.55 3.13
C ILE B 205 -22.63 -6.31 3.61
N SER B 206 -22.14 -5.13 3.23
CA SER B 206 -22.81 -3.88 3.57
C SER B 206 -23.61 -3.33 2.38
N ASP B 207 -23.34 -3.87 1.18
CA ASP B 207 -23.97 -3.42 -0.06
C ASP B 207 -23.57 -4.40 -1.17
N VAL B 208 -24.14 -4.21 -2.38
CA VAL B 208 -23.80 -5.07 -3.51
C VAL B 208 -22.99 -4.37 -4.63
N ALA B 209 -22.15 -3.42 -4.23
CA ALA B 209 -21.26 -2.73 -5.17
C ALA B 209 -21.87 -2.11 -6.43
N ASP B 210 -23.16 -1.81 -6.39
CA ASP B 210 -23.84 -1.22 -7.54
C ASP B 210 -24.05 0.29 -7.41
N GLN B 211 -24.85 0.87 -8.30
CA GLN B 211 -25.07 2.32 -8.27
C GLN B 211 -25.76 2.79 -7.00
N GLN B 212 -26.23 1.85 -6.20
CA GLN B 212 -26.88 2.18 -4.94
C GLN B 212 -26.04 1.80 -3.72
N SER B 213 -24.78 1.41 -3.93
CA SER B 213 -23.94 0.98 -2.81
C SER B 213 -23.60 2.07 -1.81
N HIS B 214 -23.64 3.34 -2.23
CA HIS B 214 -23.36 4.45 -1.30
C HIS B 214 -24.41 4.44 -0.18
N LEU B 215 -25.68 4.53 -0.58
CA LEU B 215 -26.78 4.53 0.36
C LEU B 215 -26.82 3.22 1.16
N SER B 216 -26.63 2.09 0.49
CA SER B 216 -26.65 0.81 1.20
C SER B 216 -25.55 0.75 2.28
N PHE B 217 -24.33 1.11 1.88
CA PHE B 217 -23.21 1.13 2.81
C PHE B 217 -23.53 2.04 4.00
N ASP B 218 -24.02 3.25 3.73
CA ASP B 218 -24.35 4.18 4.81
C ASP B 218 -25.34 3.55 5.78
N GLU B 219 -26.35 2.91 5.23
CA GLU B 219 -27.39 2.30 6.05
C GLU B 219 -27.07 0.94 6.67
N PHE B 220 -26.19 0.17 6.04
CA PHE B 220 -25.91 -1.15 6.58
C PHE B 220 -24.51 -1.42 7.12
N LEU B 221 -23.66 -0.41 7.13
CA LEU B 221 -22.31 -0.61 7.65
C LEU B 221 -22.34 -1.14 9.08
N ALA B 222 -23.14 -0.54 9.94
CA ALA B 222 -23.22 -0.98 11.33
C ALA B 222 -23.64 -2.46 11.38
N VAL B 223 -24.61 -2.84 10.55
CA VAL B 223 -25.01 -4.23 10.52
C VAL B 223 -23.87 -5.11 10.04
N ALA B 224 -23.18 -4.72 8.97
CA ALA B 224 -22.08 -5.55 8.48
C ALA B 224 -20.93 -5.66 9.50
N ALA B 225 -20.61 -4.54 10.16
CA ALA B 225 -19.52 -4.55 11.14
C ALA B 225 -19.83 -5.51 12.31
N LYS B 226 -21.10 -5.53 12.72
CA LYS B 226 -21.55 -6.39 13.81
C LYS B 226 -21.45 -7.86 13.41
N GLN B 227 -22.00 -8.21 12.26
CA GLN B 227 -21.93 -9.58 11.79
C GLN B 227 -20.48 -10.06 11.69
N SER B 228 -19.64 -9.30 11.01
CA SER B 228 -18.25 -9.71 10.89
C SER B 228 -17.59 -9.82 12.28
N SER B 229 -17.86 -8.85 13.18
CA SER B 229 -17.31 -8.88 14.54
C SER B 229 -17.73 -10.12 15.32
N LEU B 230 -19.00 -10.51 15.22
CA LEU B 230 -19.46 -11.70 15.94
C LEU B 230 -18.75 -12.95 15.38
N MET B 231 -18.64 -13.01 14.05
CA MET B 231 -17.93 -14.11 13.39
C MET B 231 -16.47 -14.19 13.89
N VAL B 232 -15.81 -13.04 13.98
CA VAL B 232 -14.41 -13.01 14.42
C VAL B 232 -14.29 -13.49 15.86
N GLU B 233 -15.25 -13.08 16.67
CA GLU B 233 -15.29 -13.48 18.08
C GLU B 233 -15.38 -15.01 18.15
N SER B 234 -16.29 -15.57 17.38
CA SER B 234 -16.47 -17.02 17.36
C SER B 234 -15.24 -17.73 16.79
N LEU B 235 -14.65 -17.13 15.77
CA LEU B 235 -13.48 -17.74 15.14
C LEU B 235 -12.31 -17.77 16.13
N VAL B 236 -12.08 -16.66 16.82
CA VAL B 236 -11.01 -16.61 17.78
C VAL B 236 -11.17 -17.75 18.81
N GLN B 237 -12.39 -17.90 19.33
CA GLN B 237 -12.66 -18.92 20.31
C GLN B 237 -12.44 -20.33 19.74
N LYS B 238 -12.87 -20.55 18.50
CA LYS B 238 -12.69 -21.84 17.87
C LYS B 238 -11.20 -22.19 17.68
N LEU B 239 -10.41 -21.23 17.23
CA LEU B 239 -8.98 -21.47 17.01
C LEU B 239 -8.25 -21.75 18.33
N ALA B 240 -8.71 -21.08 19.39
CA ALA B 240 -8.09 -21.25 20.69
C ALA B 240 -8.53 -22.50 21.46
N HIS B 241 -9.78 -22.94 21.29
CA HIS B 241 -10.27 -24.09 22.04
C HIS B 241 -10.89 -25.24 21.23
N GLY B 242 -10.86 -25.13 19.90
CA GLY B 242 -11.43 -26.19 19.07
C GLY B 242 -12.94 -26.11 19.02
CS MTH C . 8.19 -2.42 -13.90
S5' MTH C . 6.79 -1.47 -13.17
C5' MTH C . 7.46 0.22 -13.32
C4' MTH C . 8.40 0.59 -12.18
O4' MTH C . 9.16 1.79 -12.51
C2' MTH C . 7.40 2.49 -11.11
O2' MTH C . 7.44 3.27 -9.88
C3' MTH C . 7.72 0.93 -10.87
O3' MTH C . 8.70 0.74 -9.77
C1' MTH C . 8.43 3.02 -12.17
N9 MTH C . 7.87 3.60 -13.54
C8 MTH C . 8.65 4.15 -14.55
C7 MTH C . 7.97 4.56 -15.61
C5 MTH C . 6.65 4.27 -15.29
C6 MTH C . 5.40 4.44 -15.96
N6 MTH C . 5.32 4.98 -17.19
N1 MTH C . 4.27 4.02 -15.31
C2 MTH C . 4.34 3.48 -14.09
N3 MTH C . 5.46 3.27 -13.36
C4 MTH C . 6.57 3.69 -14.02
CS MTH D . -15.41 4.12 3.11
S5' MTH D . -14.49 3.27 1.77
C5' MTH D . -15.22 1.59 1.98
C4' MTH D . -14.62 0.80 3.15
O4' MTH D . -15.45 -0.39 3.42
C2' MTH D . -13.55 -1.13 2.19
O2' MTH D . -12.57 -2.15 2.51
C3' MTH D . -13.22 0.27 2.91
O3' MTH D . -12.54 0.04 4.21
C1' MTH D . -15.02 -1.56 2.60
N9 MTH D . -16.11 -1.68 1.45
C8 MTH D . -17.44 -2.05 1.68
C7 MTH D . -18.19 -2.05 0.59
C5 MTH D . -17.31 -1.67 -0.42
C6 MTH D . -17.46 -1.44 -1.81
N6 MTH D . -18.63 -1.61 -2.41
N1 MTH D . -16.34 -1.06 -2.54
C2 MTH D . -15.14 -0.89 -1.92
N3 MTH D . -14.88 -1.06 -0.60
C4 MTH D . -16.03 -1.45 0.09
#